data_6MJ0
#
_entry.id   6MJ0
#
_cell.length_a   103.032
_cell.length_b   129.126
_cell.length_c   172.005
_cell.angle_alpha   90.00
_cell.angle_beta   90.00
_cell.angle_gamma   90.00
#
_symmetry.space_group_name_H-M   'I 2 2 2'
#
_entity_poly.entity_id   1
_entity_poly.type   'polyribonucleotide'
_entity_poly.pdbx_seq_one_letter_code
;UAAGUUCUCGAUCUUUAAAAUCGUUAGCUCGCCAGUUAGCGAGGUCUGCGAAAGCAGAUAAUCGGGUGCAACUCCCGCCC
UUUCUCCGAGGGUCAUCGGAACCA
;
_entity_poly.pdbx_strand_id   A,B
#
loop_
_chem_comp.id
_chem_comp.type
_chem_comp.name
_chem_comp.formula
A RNA linking ADENOSINE-5'-MONOPHOSPHATE 'C10 H14 N5 O7 P'
C RNA linking CYTIDINE-5'-MONOPHOSPHATE 'C9 H14 N3 O8 P'
G RNA linking GUANOSINE-5'-MONOPHOSPHATE 'C10 H14 N5 O8 P'
U RNA linking URIDINE-5'-MONOPHOSPHATE 'C9 H13 N2 O9 P'
#